data_3VP3
#
_entry.id   3VP3
#
_cell.length_a   139.825
_cell.length_b   139.825
_cell.length_c   158.043
_cell.angle_alpha   90.00
_cell.angle_beta   90.00
_cell.angle_gamma   90.00
#
_symmetry.space_group_name_H-M   'I 41 2 2'
#
loop_
_entity.id
_entity.type
_entity.pdbx_description
1 polymer 'Glutaminase kidney isoform, mitochondrial'
2 non-polymer "5,5'-pentane-1,5-diylbis(1,3,4-thiadiazol-2-amine)"
3 non-polymer 'SULFATE ION'
4 water water
#
_entity_poly.entity_id   1
_entity_poly.type   'polypeptide(L)'
_entity_poly.pdbx_seq_one_letter_code
;SMIPDFMSFTSHIDELYESAKKQSGGKVADYIPQLAKFSPDLWGVSVCTVDGQRHSTGDTKVPFCLQSCVKPLKYAIAVN
DLGTEYVHRYVGKEPSGLRFNKLFLNEDDKPHNPMVNAGAIVVTSLIKQGVNNAEKFDYVMQFLNKMAGNEYVGFSNATF
QSERESGDRNFAIGYYLKEKKCFPEGTDMVGILDFYFQLCSIEVTCESASVMAATLANGGFCPITGERVLSPEAVRNTLS
LMHSCGMYDFSGQFAFHVGLPAKSGVAGGILLVVPNVMGMMCWSPPLDKMGNSVKGIHFCHDLVSLCNFHNYDNL
;
_entity_poly.pdbx_strand_id   A
#
loop_
_chem_comp.id
_chem_comp.type
_chem_comp.name
_chem_comp.formula
BP8 non-polymer 5,5'-pentane-1,5-diylbis(1,3,4-thiadiazol-2-amine) 'C9 H14 N6 S2'
SO4 non-polymer 'SULFATE ION' 'O4 S -2'
#
# COMPACT_ATOMS: atom_id res chain seq x y z
N SER A 1 -14.10 14.17 15.69
CA SER A 1 -12.86 14.99 15.54
C SER A 1 -11.96 15.02 16.78
N MET A 2 -10.75 14.49 16.59
CA MET A 2 -9.74 14.43 17.64
C MET A 2 -8.74 15.55 17.42
N ILE A 3 -8.79 16.12 16.23
CA ILE A 3 -7.92 17.25 15.87
C ILE A 3 -8.85 18.47 15.88
N PRO A 4 -9.01 19.11 17.04
CA PRO A 4 -9.87 20.30 17.13
C PRO A 4 -9.30 21.44 16.28
N ASP A 5 -8.02 21.73 16.45
CA ASP A 5 -7.36 22.78 15.68
C ASP A 5 -6.35 22.18 14.71
N PHE A 6 -6.81 21.89 13.51
CA PHE A 6 -5.96 21.32 12.47
C PHE A 6 -4.69 22.12 12.31
N MET A 7 -4.84 23.43 12.29
CA MET A 7 -3.71 24.31 12.15
C MET A 7 -2.62 24.03 13.18
N SER A 8 -3.01 23.73 14.42
CA SER A 8 -2.01 23.46 15.46
C SER A 8 -1.46 22.04 15.35
N PHE A 9 -2.32 21.13 14.91
CA PHE A 9 -1.95 19.73 14.72
C PHE A 9 -0.84 19.68 13.69
N THR A 10 -1.02 20.50 12.66
CA THR A 10 -0.07 20.61 11.58
C THR A 10 1.30 20.98 12.12
N SER A 11 1.33 21.85 13.12
CA SER A 11 2.58 22.25 13.73
C SER A 11 3.28 21.07 14.39
N HIS A 12 2.49 20.11 14.88
CA HIS A 12 3.05 18.93 15.52
C HIS A 12 3.58 17.96 14.46
N ILE A 13 2.88 17.87 13.33
CA ILE A 13 3.32 17.01 12.25
C ILE A 13 4.74 17.42 11.85
N ASP A 14 4.94 18.72 11.68
CA ASP A 14 6.24 19.25 11.30
C ASP A 14 7.31 18.92 12.34
N GLU A 15 6.94 18.97 13.61
CA GLU A 15 7.89 18.65 14.67
C GLU A 15 8.30 17.19 14.59
N LEU A 16 7.32 16.32 14.37
CA LEU A 16 7.57 14.88 14.25
C LEU A 16 8.44 14.63 13.02
N TYR A 17 8.08 15.31 11.94
CA TYR A 17 8.81 15.21 10.68
C TYR A 17 10.28 15.56 10.87
N GLU A 18 10.53 16.64 11.59
CA GLU A 18 11.88 17.08 11.84
C GLU A 18 12.64 16.08 12.70
N SER A 19 11.93 15.49 13.65
CA SER A 19 12.51 14.51 14.55
C SER A 19 12.96 13.25 13.81
N ALA A 20 12.06 12.73 12.98
CA ALA A 20 12.37 11.53 12.21
C ALA A 20 13.51 11.78 11.24
N LYS A 21 13.57 13.00 10.73
CA LYS A 21 14.59 13.40 9.78
C LYS A 21 16.00 13.09 10.27
N LYS A 22 16.17 13.11 11.59
CA LYS A 22 17.48 12.86 12.19
C LYS A 22 17.89 11.39 12.14
N GLN A 23 16.94 10.53 11.75
CA GLN A 23 17.21 9.09 11.64
C GLN A 23 17.78 8.79 10.25
N SER A 24 19.08 8.55 10.17
CA SER A 24 19.74 8.30 8.89
C SER A 24 20.04 6.85 8.56
N GLY A 25 19.67 5.94 9.45
CA GLY A 25 19.93 4.53 9.22
C GLY A 25 19.15 3.90 8.08
N GLY A 26 19.51 2.67 7.75
CA GLY A 26 18.80 1.99 6.68
C GLY A 26 19.56 2.01 5.38
N LYS A 27 19.14 1.15 4.46
CA LYS A 27 19.77 1.05 3.15
C LYS A 27 18.68 1.18 2.10
N VAL A 28 18.98 1.91 1.02
CA VAL A 28 18.02 2.10 -0.05
C VAL A 28 17.98 0.85 -0.93
N ALA A 29 16.77 0.35 -1.17
CA ALA A 29 16.62 -0.85 -2.00
C ALA A 29 17.45 -0.70 -3.26
N ASP A 30 18.14 -1.77 -3.67
CA ASP A 30 18.94 -1.70 -4.87
C ASP A 30 18.89 -2.95 -5.73
N TYR A 31 17.87 -3.76 -5.60
CA TYR A 31 17.83 -4.96 -6.42
C TYR A 31 17.63 -4.61 -7.88
N ILE A 32 17.23 -3.37 -8.14
CA ILE A 32 17.08 -2.86 -9.51
C ILE A 32 17.57 -1.43 -9.48
N PRO A 33 18.14 -0.94 -10.61
CA PRO A 33 18.66 0.42 -10.70
C PRO A 33 17.63 1.50 -10.37
N GLN A 34 16.40 1.32 -10.83
CA GLN A 34 15.34 2.29 -10.61
C GLN A 34 15.13 2.64 -9.14
N LEU A 35 15.47 1.73 -8.22
CA LEU A 35 15.32 2.02 -6.80
C LEU A 35 16.62 2.50 -6.19
N ALA A 36 17.76 2.02 -6.71
CA ALA A 36 19.07 2.43 -6.21
C ALA A 36 19.28 3.93 -6.47
N LYS A 37 18.75 4.39 -7.59
CA LYS A 37 18.80 5.80 -8.00
C LYS A 37 18.53 6.76 -6.85
N PHE A 38 17.46 6.51 -6.10
CA PHE A 38 17.03 7.42 -5.05
C PHE A 38 17.98 7.80 -3.94
N SER A 39 17.92 9.07 -3.59
CA SER A 39 18.76 9.62 -2.54
C SER A 39 18.19 9.26 -1.18
N PRO A 40 19.03 8.74 -0.30
CA PRO A 40 18.59 8.38 1.04
C PRO A 40 18.05 9.56 1.82
N ASP A 41 18.33 10.78 1.36
CA ASP A 41 17.87 11.96 2.08
C ASP A 41 16.45 12.41 1.78
N LEU A 42 15.83 11.84 0.76
CA LEU A 42 14.47 12.22 0.45
C LEU A 42 13.60 11.80 1.64
N TRP A 43 12.71 12.69 2.07
CA TRP A 43 11.86 12.42 3.21
C TRP A 43 10.63 13.31 3.10
N GLY A 44 9.45 12.72 2.98
CA GLY A 44 8.26 13.52 2.86
C GLY A 44 7.06 12.96 3.58
N VAL A 45 6.25 13.84 4.18
CA VAL A 45 5.05 13.44 4.92
C VAL A 45 3.86 14.27 4.43
N SER A 46 2.77 13.61 4.07
CA SER A 46 1.59 14.32 3.60
C SER A 46 0.34 13.82 4.28
N VAL A 47 -0.43 14.75 4.83
CA VAL A 47 -1.67 14.46 5.52
C VAL A 47 -2.84 14.92 4.68
N CYS A 48 -3.98 14.25 4.89
CA CYS A 48 -5.24 14.58 4.21
C CYS A 48 -6.37 14.06 5.10
N THR A 49 -7.03 14.97 5.81
CA THR A 49 -8.09 14.61 6.72
C THR A 49 -9.36 14.17 6.03
N VAL A 50 -10.28 13.64 6.82
CA VAL A 50 -11.56 13.18 6.33
C VAL A 50 -12.30 14.40 5.76
N ASP A 51 -11.96 15.58 6.29
CA ASP A 51 -12.54 16.86 5.86
C ASP A 51 -12.13 17.07 4.43
N GLY A 52 -10.82 17.27 4.26
CA GLY A 52 -10.26 17.49 2.95
C GLY A 52 -9.08 18.40 3.21
N GLN A 53 -8.80 18.63 4.48
CA GLN A 53 -7.70 19.49 4.86
C GLN A 53 -6.37 18.81 4.58
N ARG A 54 -5.49 19.53 3.90
CA ARG A 54 -4.19 19.00 3.51
C ARG A 54 -3.04 19.65 4.27
N HIS A 55 -1.86 19.06 4.14
CA HIS A 55 -0.64 19.57 4.76
C HIS A 55 0.53 18.70 4.36
N SER A 56 1.61 19.31 3.90
CA SER A 56 2.79 18.55 3.50
C SER A 56 4.05 19.17 4.07
N THR A 57 5.10 18.35 4.15
CA THR A 57 6.40 18.78 4.65
C THR A 57 7.38 17.83 4.04
N GLY A 58 8.51 18.34 3.59
CA GLY A 58 9.50 17.49 2.96
C GLY A 58 9.22 17.25 1.48
N ASP A 59 9.95 16.31 0.90
CA ASP A 59 9.85 15.99 -0.51
C ASP A 59 8.53 15.31 -0.88
N THR A 60 7.42 16.02 -0.72
CA THR A 60 6.10 15.48 -0.98
C THR A 60 5.58 15.52 -2.41
N LYS A 61 6.41 15.99 -3.36
CA LYS A 61 6.00 16.03 -4.76
C LYS A 61 6.94 15.27 -5.69
N VAL A 62 7.87 14.51 -5.13
CA VAL A 62 8.79 13.70 -5.94
C VAL A 62 8.10 12.37 -6.20
N PRO A 63 7.83 12.04 -7.47
CA PRO A 63 7.16 10.77 -7.79
C PRO A 63 7.97 9.52 -7.46
N PHE A 64 7.32 8.56 -6.82
CA PHE A 64 7.95 7.28 -6.50
C PHE A 64 6.94 6.16 -6.70
N CYS A 65 7.43 4.92 -6.86
CA CYS A 65 6.57 3.76 -7.09
C CYS A 65 5.90 3.23 -5.84
N LEU A 66 4.64 2.84 -6.00
CA LEU A 66 3.86 2.30 -4.89
C LEU A 66 4.43 0.98 -4.42
N GLN A 67 4.80 0.11 -5.38
CA GLN A 67 5.33 -1.21 -5.07
C GLN A 67 4.30 -1.94 -4.21
N SER A 68 4.71 -2.51 -3.09
CA SER A 68 3.78 -3.23 -2.24
C SER A 68 2.66 -2.36 -1.68
N CYS A 69 2.80 -1.05 -1.80
CA CYS A 69 1.76 -0.16 -1.31
C CYS A 69 0.48 -0.28 -2.14
N VAL A 70 0.62 -0.85 -3.34
CA VAL A 70 -0.51 -1.03 -4.23
C VAL A 70 -1.36 -2.24 -3.82
N LYS A 71 -0.78 -3.16 -3.06
CA LYS A 71 -1.49 -4.39 -2.62
C LYS A 71 -2.83 -4.12 -1.96
N PRO A 72 -2.86 -3.24 -0.93
CA PRO A 72 -4.13 -2.94 -0.25
C PRO A 72 -5.15 -2.42 -1.25
N LEU A 73 -4.69 -1.52 -2.13
CA LEU A 73 -5.56 -0.91 -3.13
C LEU A 73 -6.19 -1.87 -4.13
N LYS A 74 -5.40 -2.75 -4.76
CA LYS A 74 -6.00 -3.66 -5.74
C LYS A 74 -6.90 -4.70 -5.07
N TYR A 75 -6.67 -4.94 -3.77
CA TYR A 75 -7.50 -5.86 -3.01
C TYR A 75 -8.84 -5.16 -2.77
N ALA A 76 -8.77 -3.88 -2.43
CA ALA A 76 -9.97 -3.10 -2.16
C ALA A 76 -10.84 -3.10 -3.41
N ILE A 77 -10.18 -2.99 -4.57
CA ILE A 77 -10.91 -2.96 -5.82
C ILE A 77 -11.62 -4.29 -6.07
N ALA A 78 -10.93 -5.41 -5.79
CA ALA A 78 -11.52 -6.72 -6.02
C ALA A 78 -12.74 -6.97 -5.13
N VAL A 79 -12.62 -6.67 -3.85
CA VAL A 79 -13.74 -6.83 -2.93
C VAL A 79 -14.89 -5.94 -3.38
N ASN A 80 -14.54 -4.75 -3.85
CA ASN A 80 -15.54 -3.80 -4.32
C ASN A 80 -16.35 -4.36 -5.49
N ASP A 81 -15.65 -4.93 -6.46
CA ASP A 81 -16.31 -5.47 -7.64
C ASP A 81 -16.80 -6.90 -7.52
N LEU A 82 -16.27 -7.67 -6.58
CA LEU A 82 -16.68 -9.06 -6.48
C LEU A 82 -17.21 -9.49 -5.12
N GLY A 83 -16.94 -8.67 -4.10
CA GLY A 83 -17.41 -9.00 -2.76
C GLY A 83 -16.50 -9.96 -2.01
N THR A 84 -16.55 -9.87 -0.69
CA THR A 84 -15.75 -10.67 0.21
C THR A 84 -15.73 -12.18 -0.07
N GLU A 85 -16.92 -12.76 -0.23
CA GLU A 85 -17.02 -14.20 -0.44
C GLU A 85 -16.23 -14.70 -1.64
N TYR A 86 -16.46 -14.09 -2.80
CA TYR A 86 -15.76 -14.52 -4.00
C TYR A 86 -14.24 -14.35 -3.90
N VAL A 87 -13.80 -13.14 -3.58
CA VAL A 87 -12.38 -12.85 -3.46
C VAL A 87 -11.69 -13.83 -2.55
N HIS A 88 -12.30 -14.13 -1.41
CA HIS A 88 -11.66 -15.03 -0.47
C HIS A 88 -11.76 -16.52 -0.73
N ARG A 89 -12.26 -16.89 -1.91
CA ARG A 89 -12.26 -18.30 -2.25
C ARG A 89 -10.84 -18.56 -2.76
N TYR A 90 -10.14 -17.47 -3.11
CA TYR A 90 -8.77 -17.56 -3.65
C TYR A 90 -7.64 -17.08 -2.76
N VAL A 91 -7.96 -16.28 -1.74
CA VAL A 91 -6.92 -15.75 -0.87
C VAL A 91 -7.36 -15.74 0.59
N GLY A 92 -6.42 -16.02 1.48
CA GLY A 92 -6.69 -16.07 2.92
C GLY A 92 -7.03 -14.76 3.62
N LYS A 93 -7.20 -14.81 4.94
CA LYS A 93 -7.57 -13.64 5.71
C LYS A 93 -6.69 -13.36 6.91
N GLU A 94 -5.49 -13.96 6.96
CA GLU A 94 -4.64 -13.72 8.12
C GLU A 94 -3.15 -13.87 7.89
N PRO A 95 -2.35 -13.40 8.86
CA PRO A 95 -0.88 -13.45 8.84
C PRO A 95 -0.35 -14.88 8.87
N SER A 96 0.74 -15.13 8.17
CA SER A 96 1.32 -16.47 8.19
C SER A 96 2.33 -16.49 9.35
N GLY A 97 3.00 -17.61 9.53
CA GLY A 97 3.96 -17.72 10.60
C GLY A 97 5.22 -16.86 10.40
N LEU A 98 5.83 -16.96 9.23
CA LEU A 98 7.06 -16.20 8.94
C LEU A 98 7.39 -16.15 7.46
N ASN A 101 12.06 -21.91 4.70
CA ASN A 101 11.23 -20.97 5.46
C ASN A 101 10.40 -20.04 4.55
N LYS A 102 9.15 -19.80 4.95
CA LYS A 102 8.18 -18.94 4.23
C LYS A 102 7.62 -19.57 2.96
N LEU A 103 6.69 -20.50 3.18
CA LEU A 103 6.00 -21.25 2.12
C LEU A 103 5.34 -20.28 1.16
N PHE A 104 4.45 -20.80 0.33
CA PHE A 104 3.73 -19.97 -0.61
C PHE A 104 2.24 -20.07 -0.31
N LEU A 105 1.78 -21.28 0.02
CA LEU A 105 0.37 -21.49 0.29
C LEU A 105 0.14 -21.89 1.72
N ASN A 106 -1.12 -21.78 2.13
CA ASN A 106 -1.52 -22.12 3.49
C ASN A 106 -2.16 -23.49 3.53
N GLU A 107 -2.73 -23.82 4.68
CA GLU A 107 -3.37 -25.10 4.93
C GLU A 107 -4.46 -25.48 3.93
N ASP A 108 -4.83 -24.57 3.04
CA ASP A 108 -5.90 -24.87 2.07
C ASP A 108 -5.48 -24.61 0.64
N ASP A 109 -4.18 -24.48 0.42
CA ASP A 109 -3.63 -24.20 -0.89
C ASP A 109 -4.08 -22.85 -1.43
N LYS A 110 -4.11 -21.87 -0.55
CA LYS A 110 -4.48 -20.50 -0.87
C LYS A 110 -3.41 -19.58 -0.27
N PRO A 111 -3.10 -18.46 -0.95
CA PRO A 111 -2.09 -17.58 -0.36
C PRO A 111 -2.64 -17.13 1.00
N HIS A 112 -1.77 -16.96 1.99
CA HIS A 112 -2.22 -16.57 3.31
C HIS A 112 -3.08 -15.32 3.38
N ASN A 113 -2.74 -14.31 2.60
CA ASN A 113 -3.50 -13.07 2.61
C ASN A 113 -3.09 -12.21 1.41
N PRO A 114 -3.88 -11.16 1.11
CA PRO A 114 -3.60 -10.27 -0.01
C PRO A 114 -2.35 -9.40 0.15
N MET A 115 -1.79 -9.33 1.36
CA MET A 115 -0.62 -8.48 1.56
C MET A 115 0.73 -9.11 1.21
N VAL A 116 0.78 -10.42 1.00
CA VAL A 116 2.03 -11.08 0.63
C VAL A 116 1.99 -11.28 -0.89
N ASN A 117 3.17 -11.37 -1.51
CA ASN A 117 3.24 -11.51 -2.97
C ASN A 117 2.31 -12.54 -3.63
N ALA A 118 2.28 -13.76 -3.10
CA ALA A 118 1.42 -14.80 -3.68
C ALA A 118 -0.03 -14.34 -3.63
N GLY A 119 -0.39 -13.65 -2.54
CA GLY A 119 -1.75 -13.16 -2.40
C GLY A 119 -2.09 -12.08 -3.41
N ALA A 120 -1.20 -11.10 -3.51
CA ALA A 120 -1.37 -10.00 -4.44
C ALA A 120 -1.50 -10.50 -5.86
N ILE A 121 -0.71 -11.52 -6.20
CA ILE A 121 -0.74 -12.09 -7.54
C ILE A 121 -2.10 -12.73 -7.85
N VAL A 122 -2.64 -13.49 -6.90
CA VAL A 122 -3.93 -14.13 -7.10
C VAL A 122 -5.00 -13.05 -7.20
N VAL A 123 -4.93 -12.06 -6.31
CA VAL A 123 -5.88 -10.96 -6.32
C VAL A 123 -5.87 -10.28 -7.69
N THR A 124 -4.67 -10.09 -8.23
CA THR A 124 -4.54 -9.48 -9.53
C THR A 124 -5.28 -10.27 -10.60
N SER A 125 -5.31 -11.59 -10.46
CA SER A 125 -5.99 -12.43 -11.45
C SER A 125 -7.51 -12.39 -11.35
N LEU A 126 -8.04 -11.74 -10.32
CA LEU A 126 -9.48 -11.68 -10.15
C LEU A 126 -10.08 -10.43 -10.76
N ILE A 127 -9.28 -9.36 -10.77
CA ILE A 127 -9.72 -8.07 -11.30
C ILE A 127 -10.00 -8.01 -12.79
N LYS A 128 -11.15 -7.45 -13.12
CA LYS A 128 -11.60 -7.26 -14.49
C LYS A 128 -11.28 -8.42 -15.44
N GLN A 129 -11.68 -9.62 -15.07
CA GLN A 129 -11.41 -10.78 -15.91
C GLN A 129 -12.12 -10.62 -17.23
N GLY A 130 -11.53 -11.17 -18.29
CA GLY A 130 -12.15 -11.07 -19.60
C GLY A 130 -11.39 -10.11 -20.51
N VAL A 131 -11.39 -8.82 -20.16
CA VAL A 131 -10.70 -7.82 -20.95
C VAL A 131 -9.19 -8.08 -20.99
N ASN A 132 -8.52 -7.48 -21.97
CA ASN A 132 -7.08 -7.66 -22.11
C ASN A 132 -6.32 -6.83 -21.06
N ASN A 133 -5.03 -7.09 -20.95
CA ASN A 133 -4.19 -6.40 -19.99
C ASN A 133 -4.30 -4.90 -20.09
N ALA A 134 -4.06 -4.36 -21.28
CA ALA A 134 -4.13 -2.91 -21.47
C ALA A 134 -5.41 -2.34 -20.87
N GLU A 135 -6.53 -3.00 -21.16
CA GLU A 135 -7.82 -2.54 -20.65
C GLU A 135 -7.89 -2.68 -19.13
N LYS A 136 -7.39 -3.80 -18.61
CA LYS A 136 -7.37 -4.02 -17.17
C LYS A 136 -6.57 -2.91 -16.51
N PHE A 137 -5.43 -2.58 -17.08
CA PHE A 137 -4.58 -1.56 -16.52
C PHE A 137 -5.28 -0.21 -16.45
N ASP A 138 -6.02 0.18 -17.50
CA ASP A 138 -6.70 1.47 -17.46
C ASP A 138 -7.79 1.44 -16.40
N TYR A 139 -8.42 0.28 -16.27
CA TYR A 139 -9.49 0.13 -15.29
C TYR A 139 -8.96 0.50 -13.92
N VAL A 140 -7.86 -0.12 -13.54
CA VAL A 140 -7.26 0.14 -12.23
C VAL A 140 -6.77 1.58 -12.13
N MET A 141 -6.18 2.09 -13.20
CA MET A 141 -5.68 3.46 -13.19
C MET A 141 -6.84 4.44 -12.93
N GLN A 142 -7.95 4.22 -13.61
CA GLN A 142 -9.13 5.06 -13.43
C GLN A 142 -9.54 5.02 -11.96
N PHE A 143 -9.50 3.82 -11.38
CA PHE A 143 -9.88 3.62 -10.00
C PHE A 143 -8.97 4.38 -9.05
N LEU A 144 -7.66 4.26 -9.28
CA LEU A 144 -6.68 4.93 -8.44
C LEU A 144 -6.83 6.44 -8.50
N ASN A 145 -7.25 6.95 -9.65
CA ASN A 145 -7.46 8.39 -9.79
C ASN A 145 -8.60 8.87 -8.92
N LYS A 146 -9.69 8.09 -8.87
CA LYS A 146 -10.84 8.48 -8.06
C LYS A 146 -10.44 8.46 -6.60
N MET A 147 -9.61 7.49 -6.22
CA MET A 147 -9.17 7.39 -4.84
C MET A 147 -8.27 8.52 -4.45
N ALA A 148 -7.59 9.10 -5.43
CA ALA A 148 -6.67 10.22 -5.17
C ALA A 148 -7.29 11.56 -5.53
N GLY A 149 -8.59 11.58 -5.78
CA GLY A 149 -9.26 12.82 -6.15
C GLY A 149 -8.55 13.44 -7.34
N ASN A 150 -8.18 12.58 -8.29
CA ASN A 150 -7.50 13.02 -9.50
C ASN A 150 -6.13 13.65 -9.36
N GLU A 151 -5.45 13.43 -8.24
CA GLU A 151 -4.12 14.00 -8.12
C GLU A 151 -3.13 13.06 -8.81
N TYR A 152 -1.84 13.35 -8.67
CA TYR A 152 -0.81 12.55 -9.36
C TYR A 152 -0.87 11.03 -9.22
N VAL A 153 -0.92 10.37 -10.37
CA VAL A 153 -0.90 8.93 -10.49
C VAL A 153 -0.22 8.64 -11.82
N GLY A 154 1.05 8.27 -11.77
CA GLY A 154 1.78 7.98 -12.98
C GLY A 154 2.20 6.55 -13.17
N PHE A 155 3.19 6.34 -14.02
CA PHE A 155 3.69 5.00 -14.30
C PHE A 155 5.17 5.04 -14.66
N SER A 156 5.93 4.10 -14.11
CA SER A 156 7.35 4.02 -14.39
C SER A 156 7.63 2.82 -15.27
N ASN A 157 7.70 3.04 -16.58
CA ASN A 157 8.02 1.95 -17.48
C ASN A 157 9.39 1.34 -17.17
N ALA A 158 10.32 2.15 -16.71
CA ALA A 158 11.66 1.67 -16.40
C ALA A 158 11.59 0.66 -15.27
N THR A 159 10.80 0.98 -14.25
CA THR A 159 10.66 0.10 -13.10
C THR A 159 9.99 -1.18 -13.55
N PHE A 160 8.90 -1.03 -14.32
CA PHE A 160 8.16 -2.19 -14.83
C PHE A 160 9.08 -3.17 -15.54
N GLN A 161 9.85 -2.66 -16.50
CA GLN A 161 10.79 -3.49 -17.25
C GLN A 161 11.81 -4.18 -16.36
N SER A 162 12.37 -3.46 -15.39
CA SER A 162 13.34 -4.04 -14.48
C SER A 162 12.73 -5.08 -13.56
N GLU A 163 11.51 -4.81 -13.12
CA GLU A 163 10.80 -5.74 -12.24
C GLU A 163 10.50 -7.04 -12.99
N ARG A 164 10.07 -6.91 -14.23
CA ARG A 164 9.72 -8.04 -15.06
C ARG A 164 10.92 -8.93 -15.38
N GLU A 165 11.95 -8.34 -15.98
CA GLU A 165 13.14 -9.08 -16.36
C GLU A 165 14.04 -9.37 -15.18
N SER A 166 13.44 -9.52 -14.00
CA SER A 166 14.21 -9.77 -12.79
C SER A 166 13.44 -10.48 -11.68
N GLY A 167 12.11 -10.54 -11.83
CA GLY A 167 11.29 -11.19 -10.82
C GLY A 167 11.24 -12.70 -10.92
N ASP A 168 12.39 -13.35 -10.78
CA ASP A 168 12.43 -14.80 -10.86
C ASP A 168 11.61 -15.42 -9.75
N ARG A 169 11.64 -14.84 -8.56
CA ARG A 169 10.86 -15.40 -7.48
C ARG A 169 9.35 -15.24 -7.71
N ASN A 170 8.95 -14.14 -8.34
CA ASN A 170 7.52 -13.94 -8.63
C ASN A 170 7.06 -14.94 -9.68
N PHE A 171 7.98 -15.41 -10.52
CA PHE A 171 7.62 -16.41 -11.51
C PHE A 171 7.52 -17.75 -10.82
N ALA A 172 8.42 -18.01 -9.88
CA ALA A 172 8.38 -19.26 -9.15
C ALA A 172 6.98 -19.33 -8.52
N ILE A 173 6.59 -18.24 -7.87
CA ILE A 173 5.29 -18.16 -7.23
C ILE A 173 4.17 -18.34 -8.27
N GLY A 174 4.34 -17.70 -9.42
CA GLY A 174 3.35 -17.79 -10.48
C GLY A 174 3.10 -19.22 -10.90
N TYR A 175 4.16 -19.97 -11.23
CA TYR A 175 4.00 -21.36 -11.63
C TYR A 175 3.49 -22.23 -10.49
N TYR A 176 3.98 -22.00 -9.28
CA TYR A 176 3.50 -22.80 -8.16
C TYR A 176 1.99 -22.65 -7.97
N LEU A 177 1.50 -21.41 -8.03
CA LEU A 177 0.07 -21.16 -7.88
C LEU A 177 -0.70 -21.83 -9.03
N LYS A 178 -0.13 -21.79 -10.22
CA LYS A 178 -0.78 -22.39 -11.38
C LYS A 178 -0.84 -23.91 -11.19
N GLU A 179 0.21 -24.47 -10.61
CA GLU A 179 0.31 -25.89 -10.36
C GLU A 179 -0.78 -26.31 -9.36
N LYS A 180 -0.93 -25.53 -8.29
CA LYS A 180 -1.90 -25.77 -7.23
C LYS A 180 -3.31 -25.29 -7.60
N LYS A 181 -3.52 -24.96 -8.86
CA LYS A 181 -4.83 -24.49 -9.31
C LYS A 181 -5.38 -23.33 -8.44
N CYS A 182 -4.56 -22.32 -8.18
CA CYS A 182 -5.01 -21.19 -7.35
C CYS A 182 -5.66 -20.04 -8.12
N PHE A 183 -5.57 -20.07 -9.45
CA PHE A 183 -6.15 -19.01 -10.28
C PHE A 183 -7.52 -19.40 -10.83
N PRO A 184 -8.34 -18.41 -11.19
CA PRO A 184 -9.68 -18.70 -11.74
C PRO A 184 -9.54 -19.43 -13.08
N GLU A 185 -10.52 -20.24 -13.41
CA GLU A 185 -10.51 -21.01 -14.64
C GLU A 185 -10.14 -20.14 -15.85
N GLY A 186 -9.16 -20.60 -16.63
CA GLY A 186 -8.75 -19.89 -17.83
C GLY A 186 -7.89 -18.65 -17.66
N THR A 187 -7.09 -18.62 -16.60
CA THR A 187 -6.22 -17.48 -16.36
C THR A 187 -4.90 -17.62 -17.12
N ASP A 188 -4.46 -16.55 -17.75
CA ASP A 188 -3.17 -16.55 -18.45
C ASP A 188 -2.17 -16.13 -17.35
N MET A 189 -1.58 -17.12 -16.69
CA MET A 189 -0.65 -16.87 -15.59
C MET A 189 0.44 -15.84 -15.91
N VAL A 190 1.19 -16.07 -16.98
CA VAL A 190 2.25 -15.15 -17.36
C VAL A 190 1.69 -13.74 -17.64
N GLY A 191 0.48 -13.68 -18.19
CA GLY A 191 -0.13 -12.39 -18.46
C GLY A 191 -0.46 -11.67 -17.17
N ILE A 192 -0.84 -12.43 -16.14
CA ILE A 192 -1.16 -11.86 -14.84
C ILE A 192 0.11 -11.32 -14.18
N LEU A 193 1.21 -12.06 -14.24
CA LEU A 193 2.44 -11.59 -13.65
C LEU A 193 2.84 -10.28 -14.30
N ASP A 194 2.52 -10.15 -15.57
CA ASP A 194 2.86 -8.93 -16.29
C ASP A 194 2.04 -7.79 -15.73
N PHE A 195 0.73 -8.03 -15.58
CA PHE A 195 -0.17 -7.02 -15.04
C PHE A 195 0.27 -6.66 -13.62
N TYR A 196 0.78 -7.66 -12.90
CA TYR A 196 1.24 -7.48 -11.52
C TYR A 196 2.45 -6.55 -11.46
N PHE A 197 3.40 -6.77 -12.37
CA PHE A 197 4.59 -5.91 -12.40
C PHE A 197 4.23 -4.48 -12.74
N GLN A 198 3.25 -4.32 -13.63
CA GLN A 198 2.77 -3.00 -14.02
C GLN A 198 2.19 -2.29 -12.81
N LEU A 199 1.29 -2.94 -12.09
CA LEU A 199 0.68 -2.34 -10.92
C LEU A 199 1.70 -1.85 -9.89
N CYS A 200 2.79 -2.60 -9.74
CA CYS A 200 3.83 -2.23 -8.77
C CYS A 200 4.60 -1.01 -9.23
N SER A 201 4.53 -0.73 -10.52
CA SER A 201 5.23 0.38 -11.12
C SER A 201 4.44 1.68 -11.19
N ILE A 202 3.20 1.68 -10.70
CA ILE A 202 2.40 2.89 -10.70
C ILE A 202 3.07 3.90 -9.75
N GLU A 203 3.18 5.16 -10.20
CA GLU A 203 3.82 6.22 -9.42
C GLU A 203 2.84 7.18 -8.75
N VAL A 204 3.24 7.70 -7.60
CA VAL A 204 2.40 8.63 -6.87
C VAL A 204 3.34 9.55 -6.15
N THR A 205 2.79 10.50 -5.39
CA THR A 205 3.61 11.42 -4.61
C THR A 205 2.99 11.34 -3.23
N CYS A 206 3.73 11.73 -2.19
CA CYS A 206 3.18 11.69 -0.85
C CYS A 206 1.81 12.36 -0.84
N GLU A 207 1.68 13.45 -1.60
CA GLU A 207 0.43 14.18 -1.65
C GLU A 207 -0.73 13.41 -2.24
N SER A 208 -0.56 12.87 -3.44
CA SER A 208 -1.63 12.11 -4.07
C SER A 208 -1.97 10.83 -3.27
N ALA A 209 -0.95 10.18 -2.71
CA ALA A 209 -1.15 8.97 -1.95
C ALA A 209 -1.91 9.24 -0.66
N SER A 210 -1.59 10.35 -0.01
CA SER A 210 -2.27 10.70 1.24
C SER A 210 -3.77 10.82 0.99
N VAL A 211 -4.13 11.24 -0.21
CA VAL A 211 -5.53 11.37 -0.55
C VAL A 211 -6.14 9.98 -0.69
N MET A 212 -5.37 9.03 -1.21
CA MET A 212 -5.84 7.65 -1.35
C MET A 212 -6.06 7.05 0.03
N ALA A 213 -5.12 7.31 0.95
CA ALA A 213 -5.22 6.80 2.31
C ALA A 213 -6.45 7.39 2.97
N ALA A 214 -6.66 8.69 2.77
CA ALA A 214 -7.80 9.39 3.34
C ALA A 214 -9.11 8.80 2.84
N THR A 215 -9.12 8.30 1.61
CA THR A 215 -10.34 7.70 1.08
C THR A 215 -10.69 6.45 1.90
N LEU A 216 -9.66 5.68 2.28
CA LEU A 216 -9.86 4.48 3.07
C LEU A 216 -10.22 4.90 4.48
N ALA A 217 -9.67 6.04 4.90
CA ALA A 217 -9.94 6.57 6.23
C ALA A 217 -11.35 7.14 6.29
N ASN A 218 -11.94 7.38 5.12
CA ASN A 218 -13.27 7.96 5.04
C ASN A 218 -14.36 7.01 4.54
N GLY A 219 -14.30 5.76 4.99
CA GLY A 219 -15.30 4.79 4.59
C GLY A 219 -15.52 4.62 3.11
N GLY A 220 -14.51 4.95 2.30
CA GLY A 220 -14.64 4.80 0.87
C GLY A 220 -15.04 6.05 0.11
N PHE A 221 -15.05 7.20 0.78
CA PHE A 221 -15.40 8.45 0.11
C PHE A 221 -14.20 9.35 -0.02
N CYS A 222 -13.92 9.80 -1.25
CA CYS A 222 -12.78 10.67 -1.48
C CYS A 222 -12.99 12.01 -0.75
N PRO A 223 -12.18 12.28 0.29
CA PRO A 223 -12.27 13.50 1.08
C PRO A 223 -12.27 14.76 0.25
N ILE A 224 -11.74 14.71 -0.97
CA ILE A 224 -11.68 15.93 -1.77
C ILE A 224 -12.58 15.98 -2.99
N THR A 225 -13.49 15.02 -3.13
CA THR A 225 -14.44 15.03 -4.25
C THR A 225 -15.80 14.58 -3.75
N GLY A 226 -15.81 14.04 -2.52
CA GLY A 226 -17.03 13.56 -1.91
C GLY A 226 -17.62 12.32 -2.55
N GLU A 227 -16.97 11.83 -3.61
CA GLU A 227 -17.45 10.66 -4.31
C GLU A 227 -17.17 9.31 -3.64
N ARG A 228 -18.12 8.40 -3.80
CA ARG A 228 -18.01 7.06 -3.25
C ARG A 228 -17.15 6.24 -4.22
N VAL A 229 -15.94 5.89 -3.79
CA VAL A 229 -15.01 5.13 -4.63
C VAL A 229 -15.02 3.63 -4.29
N LEU A 230 -15.07 3.31 -3.00
CA LEU A 230 -15.06 1.92 -2.58
C LEU A 230 -16.22 1.61 -1.65
N SER A 231 -16.72 0.38 -1.75
CA SER A 231 -17.82 -0.07 -0.90
C SER A 231 -17.37 -0.18 0.54
N PRO A 232 -18.28 0.07 1.50
CA PRO A 232 -17.96 -0.01 2.92
C PRO A 232 -17.29 -1.35 3.23
N GLU A 233 -17.87 -2.40 2.66
CA GLU A 233 -17.37 -3.77 2.82
C GLU A 233 -15.89 -3.81 2.43
N ALA A 234 -15.58 -3.34 1.23
CA ALA A 234 -14.22 -3.31 0.72
C ALA A 234 -13.25 -2.54 1.61
N VAL A 235 -13.66 -1.38 2.08
CA VAL A 235 -12.79 -0.58 2.92
C VAL A 235 -12.46 -1.29 4.22
N ARG A 236 -13.48 -1.79 4.92
CA ARG A 236 -13.26 -2.48 6.20
C ARG A 236 -12.32 -3.68 6.06
N ASN A 237 -12.50 -4.45 5.01
CA ASN A 237 -11.65 -5.62 4.76
C ASN A 237 -10.20 -5.15 4.59
N THR A 238 -9.98 -4.21 3.68
CA THR A 238 -8.65 -3.69 3.43
C THR A 238 -7.98 -3.21 4.71
N LEU A 239 -8.72 -2.46 5.53
CA LEU A 239 -8.15 -1.95 6.76
C LEU A 239 -7.76 -3.08 7.70
N SER A 240 -8.65 -4.05 7.88
CA SER A 240 -8.35 -5.19 8.77
C SER A 240 -7.05 -5.88 8.37
N LEU A 241 -6.87 -6.13 7.08
CA LEU A 241 -5.67 -6.79 6.60
C LEU A 241 -4.42 -5.91 6.68
N MET A 242 -4.59 -4.60 6.53
CA MET A 242 -3.45 -3.68 6.65
C MET A 242 -3.02 -3.66 8.10
N HIS A 243 -4.00 -3.80 9.00
CA HIS A 243 -3.70 -3.80 10.43
C HIS A 243 -2.87 -5.01 10.85
N SER A 244 -3.09 -6.15 10.21
CA SER A 244 -2.37 -7.35 10.57
C SER A 244 -1.26 -7.84 9.64
N CYS A 245 -1.25 -7.41 8.39
CA CYS A 245 -0.23 -7.88 7.47
C CYS A 245 0.34 -6.79 6.58
N GLY A 246 0.22 -5.53 7.00
CA GLY A 246 0.70 -4.47 6.14
C GLY A 246 2.16 -4.08 6.20
N MET A 247 2.85 -4.50 7.27
CA MET A 247 4.24 -4.14 7.48
C MET A 247 5.26 -5.28 7.41
N TYR A 248 5.02 -6.23 6.51
CA TYR A 248 5.92 -7.37 6.35
C TYR A 248 6.14 -8.02 7.72
N ASP A 249 7.38 -8.40 8.03
CA ASP A 249 7.68 -9.05 9.30
C ASP A 249 7.56 -8.15 10.50
N PHE A 250 7.19 -6.90 10.28
CA PHE A 250 7.07 -6.00 11.41
C PHE A 250 5.60 -5.83 11.80
N SER A 251 4.72 -6.46 11.03
CA SER A 251 3.28 -6.38 11.27
C SER A 251 2.84 -6.56 12.73
N GLY A 252 3.39 -7.57 13.40
CA GLY A 252 3.04 -7.78 14.78
C GLY A 252 3.42 -6.60 15.67
N GLN A 253 4.69 -6.21 15.62
CA GLN A 253 5.21 -5.11 16.42
C GLN A 253 4.42 -3.86 16.11
N PHE A 254 4.19 -3.63 14.83
CA PHE A 254 3.49 -2.44 14.39
C PHE A 254 2.05 -2.41 14.91
N ALA A 255 1.36 -3.55 14.85
CA ALA A 255 -0.02 -3.62 15.33
C ALA A 255 -0.06 -3.42 16.85
N PHE A 256 0.99 -3.86 17.52
CA PHE A 256 1.05 -3.75 18.96
C PHE A 256 1.46 -2.36 19.43
N HIS A 257 2.47 -1.77 18.80
CA HIS A 257 2.96 -0.46 19.22
C HIS A 257 2.32 0.72 18.55
N VAL A 258 1.93 0.57 17.29
CA VAL A 258 1.32 1.70 16.59
C VAL A 258 -0.20 1.55 16.52
N GLY A 259 -0.67 0.34 16.28
CA GLY A 259 -2.10 0.12 16.23
C GLY A 259 -2.85 0.89 15.16
N LEU A 260 -2.30 0.94 13.95
CA LEU A 260 -2.97 1.65 12.85
C LEU A 260 -2.83 0.88 11.55
N PRO A 261 -3.84 0.93 10.68
CA PRO A 261 -3.75 0.23 9.40
C PRO A 261 -2.66 0.91 8.57
N ALA A 262 -1.66 0.16 8.13
CA ALA A 262 -0.59 0.73 7.33
C ALA A 262 -0.11 -0.30 6.31
N LYS A 263 0.66 0.15 5.32
CA LYS A 263 1.20 -0.74 4.31
C LYS A 263 2.48 -0.14 3.78
N SER A 264 3.58 -0.87 3.91
CA SER A 264 4.85 -0.37 3.41
C SER A 264 5.18 -0.89 2.01
N GLY A 265 6.21 -0.30 1.41
CA GLY A 265 6.65 -0.68 0.08
C GLY A 265 8.16 -0.50 0.01
N VAL A 266 8.79 -1.24 -0.90
CA VAL A 266 10.23 -1.24 -1.04
C VAL A 266 10.79 0.11 -1.52
N ALA A 267 9.91 0.97 -2.02
CA ALA A 267 10.31 2.30 -2.50
C ALA A 267 10.57 3.19 -1.30
N GLY A 268 10.12 2.75 -0.13
CA GLY A 268 10.33 3.51 1.09
C GLY A 268 9.07 4.20 1.57
N GLY A 269 7.95 3.95 0.90
CA GLY A 269 6.70 4.57 1.29
C GLY A 269 5.92 3.78 2.33
N ILE A 270 5.11 4.50 3.12
CA ILE A 270 4.26 3.88 4.13
C ILE A 270 2.87 4.51 4.11
N LEU A 271 1.91 3.80 3.51
CA LEU A 271 0.53 4.27 3.44
C LEU A 271 -0.10 4.12 4.82
N LEU A 272 -0.37 5.23 5.51
CA LEU A 272 -0.94 5.17 6.85
C LEU A 272 -2.39 5.64 6.90
N VAL A 273 -3.19 4.99 7.75
CA VAL A 273 -4.60 5.34 7.88
C VAL A 273 -5.06 5.45 9.33
N VAL A 274 -5.66 6.59 9.68
CA VAL A 274 -6.20 6.84 11.00
C VAL A 274 -7.71 6.92 10.74
N PRO A 275 -8.41 5.79 10.93
CA PRO A 275 -9.85 5.67 10.71
C PRO A 275 -10.67 6.87 11.17
N ASN A 276 -11.50 7.38 10.27
CA ASN A 276 -12.37 8.51 10.56
C ASN A 276 -11.62 9.78 10.93
N VAL A 277 -10.33 9.83 10.64
CA VAL A 277 -9.56 11.02 10.95
C VAL A 277 -8.75 11.54 9.77
N MET A 278 -7.86 10.73 9.23
CA MET A 278 -7.03 11.18 8.12
C MET A 278 -6.30 10.08 7.38
N GLY A 279 -5.76 10.45 6.22
CA GLY A 279 -4.96 9.56 5.41
C GLY A 279 -3.56 10.13 5.45
N MET A 280 -2.55 9.30 5.26
CA MET A 280 -1.19 9.78 5.27
C MET A 280 -0.24 8.94 4.43
N MET A 281 0.84 9.56 3.97
CA MET A 281 1.84 8.86 3.19
C MET A 281 3.22 9.38 3.57
N CYS A 282 4.01 8.53 4.20
CA CYS A 282 5.37 8.86 4.60
C CYS A 282 6.26 8.23 3.54
N TRP A 283 7.39 8.86 3.24
CA TRP A 283 8.27 8.33 2.25
C TRP A 283 9.72 8.67 2.51
N SER A 284 10.57 7.64 2.48
CA SER A 284 11.99 7.82 2.68
C SER A 284 12.68 6.51 2.30
N PRO A 285 13.31 6.47 1.11
CA PRO A 285 14.02 5.33 0.51
C PRO A 285 14.83 4.40 1.43
N PRO A 286 15.48 4.93 2.48
CA PRO A 286 16.22 3.98 3.32
C PRO A 286 15.31 3.02 4.10
N LEU A 287 15.47 1.72 3.85
CA LEU A 287 14.67 0.70 4.52
C LEU A 287 15.51 0.02 5.60
N ASP A 288 14.85 -0.66 6.55
CA ASP A 288 15.54 -1.38 7.59
C ASP A 288 15.57 -2.87 7.20
N LYS A 289 16.06 -3.73 8.08
CA LYS A 289 16.12 -5.17 7.79
C LYS A 289 14.76 -5.75 7.41
N MET A 290 13.70 -5.26 8.05
CA MET A 290 12.33 -5.71 7.78
C MET A 290 11.82 -5.29 6.40
N GLY A 291 12.43 -4.23 5.85
CA GLY A 291 12.02 -3.75 4.53
C GLY A 291 11.11 -2.54 4.60
N ASN A 292 11.03 -1.91 5.79
CA ASN A 292 10.21 -0.73 6.00
C ASN A 292 11.08 0.53 6.08
N SER A 293 10.51 1.65 5.68
CA SER A 293 11.21 2.91 5.74
C SER A 293 11.60 3.26 7.20
N VAL A 294 12.90 3.47 7.43
CA VAL A 294 13.41 3.79 8.76
C VAL A 294 12.78 5.07 9.31
N LYS A 295 12.82 6.15 8.53
CA LYS A 295 12.25 7.42 8.99
C LYS A 295 10.74 7.25 9.14
N GLY A 296 10.14 6.48 8.24
CA GLY A 296 8.71 6.22 8.28
C GLY A 296 8.30 5.50 9.55
N ILE A 297 8.98 4.40 9.87
CA ILE A 297 8.66 3.67 11.08
C ILE A 297 8.79 4.61 12.29
N HIS A 298 9.89 5.35 12.35
CA HIS A 298 10.11 6.27 13.47
C HIS A 298 8.96 7.25 13.61
N PHE A 299 8.63 7.91 12.50
CA PHE A 299 7.53 8.88 12.49
C PHE A 299 6.23 8.27 13.04
N CYS A 300 5.85 7.10 12.54
CA CYS A 300 4.63 6.44 12.98
C CYS A 300 4.59 6.24 14.50
N HIS A 301 5.68 5.75 15.08
CA HIS A 301 5.73 5.55 16.52
C HIS A 301 5.52 6.87 17.26
N ASP A 302 6.19 7.93 16.80
CA ASP A 302 6.06 9.24 17.41
C ASP A 302 4.65 9.80 17.30
N LEU A 303 4.02 9.59 16.15
CA LEU A 303 2.68 10.10 15.92
C LEU A 303 1.66 9.52 16.90
N VAL A 304 1.75 8.21 17.14
CA VAL A 304 0.81 7.54 18.01
C VAL A 304 1.04 7.84 19.48
N SER A 305 2.29 8.12 19.84
CA SER A 305 2.61 8.45 21.22
C SER A 305 2.07 9.85 21.50
N LEU A 306 2.43 10.77 20.61
CA LEU A 306 2.02 12.15 20.73
C LEU A 306 0.52 12.38 20.66
N CYS A 307 -0.10 11.94 19.57
CA CYS A 307 -1.53 12.16 19.37
C CYS A 307 -2.48 11.08 19.84
N ASN A 308 -1.94 10.05 20.48
CA ASN A 308 -2.77 8.95 20.99
C ASN A 308 -3.83 8.50 20.00
N PHE A 309 -3.34 8.09 18.82
CA PHE A 309 -4.16 7.62 17.72
C PHE A 309 -4.28 6.09 17.69
N HIS A 310 -3.56 5.42 18.59
CA HIS A 310 -3.57 3.96 18.65
C HIS A 310 -5.00 3.41 18.71
N ASN A 311 -5.24 2.36 17.94
CA ASN A 311 -6.54 1.72 17.87
C ASN A 311 -7.24 1.50 19.23
N TYR A 312 -6.46 1.42 20.31
CA TYR A 312 -7.05 1.17 21.60
C TYR A 312 -6.67 2.16 22.71
N ASP A 313 -7.04 3.43 22.52
CA ASP A 313 -6.81 4.48 23.51
C ASP A 313 -8.20 4.93 24.00
C1 BP8 B . 8.27 -23.54 -0.43
C32 BP8 B . 7.75 -24.90 -0.92
C30 BP8 B . 6.71 -24.04 -1.65
C33 BP8 B . 5.50 -24.82 -1.13
S35 BP8 B . 4.06 -24.10 -0.55
N26 BP8 B . 5.66 -26.12 -0.68
N28 BP8 B . 4.68 -26.38 0.05
C31 BP8 B . 3.67 -25.52 0.33
N27 BP8 B . 2.65 -25.71 1.14
S SO4 C . 10.03 6.73 -18.08
O1 SO4 C . 10.26 7.16 -16.63
O2 SO4 C . 8.77 6.31 -18.86
O3 SO4 C . 9.92 8.14 -18.41
O4 SO4 C . 11.24 6.29 -18.86
#